data_1ME3
#
_entry.id   1ME3
#
_cell.length_a   42.570
_cell.length_b   51.590
_cell.length_c   45.950
_cell.angle_alpha   90.00
_cell.angle_beta   116.62
_cell.angle_gamma   90.00
#
_symmetry.space_group_name_H-M   'P 1 21 1'
#
loop_
_entity.id
_entity.type
_entity.pdbx_description
1 polymer Cruzipain
2 non-polymer '[1-(3-HYDROXY-2-OXO-1-PHENETHYL-PROPYLCARBAMOYL)2-PHENYL-ETHYL]-CARBAMIC ACID PYRIDIN-4-YLMETHYL ESTER'
3 water water
#
_entity_poly.entity_id   1
_entity_poly.type   'polypeptide(L)'
_entity_poly.pdbx_seq_one_letter_code
;APAAVDWRARGAVTAVKDQGQCGSCWAFSAIGNVECQWFLAGHPLTNLSEQMLVSCDKTDSGCSGGLMNNAFEWIVQENN
GAVYTEDSYPYASGEGISPPCTTSGHTVGATITGHVELPQDEAQIAAWLAVNGPVAVAVDASSWMTYTGGVMTSCVSEQL
DHGVLLVGYNDSAAVPYWIIKNSWTTQWGEEGYIRIAKGSNQCLVKEEASSAVVG
;
_entity_poly.pdbx_strand_id   A
#
# COMPACT_ATOMS: atom_id res chain seq x y z
N ALA A 1 -3.03 22.17 5.64
CA ALA A 1 -3.09 20.80 6.18
C ALA A 1 -2.68 20.73 7.64
N PRO A 2 -3.09 19.73 8.42
CA PRO A 2 -2.55 19.56 9.78
C PRO A 2 -1.02 19.45 9.75
N ALA A 3 -0.38 19.82 10.84
CA ALA A 3 1.06 19.70 10.98
C ALA A 3 1.50 18.25 10.94
N ALA A 4 0.73 17.29 11.48
CA ALA A 4 1.10 15.88 11.54
C ALA A 4 -0.13 15.00 11.47
N VAL A 5 -0.04 13.82 10.87
CA VAL A 5 -1.10 12.80 10.80
C VAL A 5 -0.48 11.43 10.98
N ASP A 6 -1.09 10.55 11.78
CA ASP A 6 -0.65 9.13 11.89
C ASP A 6 -1.86 8.22 11.99
N TRP A 7 -2.30 7.63 10.86
CA TRP A 7 -3.48 6.81 10.81
C TRP A 7 -3.38 5.49 11.59
N ARG A 8 -2.16 5.05 11.96
CA ARG A 8 -1.96 3.83 12.68
C ARG A 8 -2.65 3.87 14.08
N ALA A 9 -2.72 5.03 14.70
CA ALA A 9 -3.29 5.23 16.02
C ALA A 9 -4.81 5.50 16.02
N ARG A 10 -5.40 5.47 14.82
CA ARG A 10 -6.79 5.90 14.59
C ARG A 10 -7.66 4.77 14.00
N GLY A 11 -7.25 3.51 14.23
CA GLY A 11 -8.04 2.34 13.90
C GLY A 11 -8.11 1.98 12.44
N ALA A 12 -7.28 2.62 11.58
CA ALA A 12 -7.46 2.49 10.15
C ALA A 12 -6.46 1.57 9.44
N VAL A 13 -5.47 1.02 10.15
CA VAL A 13 -4.39 0.27 9.50
C VAL A 13 -4.31 -1.14 10.08
N THR A 14 -4.31 -2.17 9.26
CA THR A 14 -4.17 -3.56 9.72
C THR A 14 -2.73 -3.88 10.05
N ALA A 15 -2.48 -5.09 10.59
CA ALA A 15 -1.14 -5.53 10.93
C ALA A 15 -0.20 -5.54 9.72
N VAL A 16 1.10 -5.44 10.00
CA VAL A 16 2.18 -5.59 9.02
C VAL A 16 2.27 -7.03 8.58
N LYS A 17 2.46 -7.20 7.25
CA LYS A 17 2.51 -8.48 6.57
C LYS A 17 3.91 -8.85 6.09
N ASP A 18 4.00 -10.04 5.52
CA ASP A 18 5.20 -10.64 4.96
C ASP A 18 4.90 -11.12 3.54
N GLN A 19 5.34 -10.44 2.47
CA GLN A 19 5.13 -10.88 1.08
C GLN A 19 5.91 -12.15 0.78
N GLY A 20 6.90 -12.53 1.56
CA GLY A 20 7.67 -13.75 1.27
C GLY A 20 8.52 -13.63 0.01
N GLN A 21 8.72 -14.75 -0.64
CA GLN A 21 9.58 -14.82 -1.83
C GLN A 21 8.96 -14.34 -3.10
N CYS A 22 7.75 -13.88 -3.12
CA CYS A 22 6.99 -13.45 -4.27
C CYS A 22 7.17 -11.95 -4.54
N GLY A 23 7.23 -11.55 -5.83
CA GLY A 23 7.26 -10.14 -6.19
C GLY A 23 5.87 -9.53 -6.21
N SER A 24 5.21 -9.55 -5.08
CA SER A 24 3.82 -9.15 -4.92
C SER A 24 3.63 -7.84 -4.17
N CYS A 25 4.70 -7.03 -4.03
CA CYS A 25 4.57 -5.75 -3.33
C CYS A 25 3.38 -4.90 -3.83
N TRP A 26 3.18 -4.90 -5.16
CA TRP A 26 2.08 -4.15 -5.79
C TRP A 26 0.73 -4.52 -5.18
N ALA A 27 0.53 -5.83 -4.91
CA ALA A 27 -0.73 -6.32 -4.30
C ALA A 27 -0.85 -5.93 -2.85
N PHE A 28 0.24 -6.00 -2.07
CA PHE A 28 0.23 -5.56 -0.68
C PHE A 28 -0.07 -4.07 -0.62
N SER A 29 0.50 -3.24 -1.50
CA SER A 29 0.22 -1.82 -1.58
C SER A 29 -1.24 -1.51 -1.88
N ALA A 30 -1.78 -2.14 -2.96
CA ALA A 30 -3.18 -1.89 -3.35
C ALA A 30 -4.15 -2.37 -2.24
N ILE A 31 -3.94 -3.59 -1.72
CA ILE A 31 -4.86 -4.13 -0.71
C ILE A 31 -4.77 -3.36 0.60
N GLY A 32 -3.57 -2.97 1.03
CA GLY A 32 -3.46 -2.17 2.25
C GLY A 32 -4.21 -0.85 2.08
N ASN A 33 -4.10 -0.19 0.92
CA ASN A 33 -4.89 1.00 0.65
C ASN A 33 -6.40 0.71 0.73
N VAL A 34 -6.91 -0.35 0.08
CA VAL A 34 -8.33 -0.64 0.16
C VAL A 34 -8.78 -0.88 1.60
N GLU A 35 -8.01 -1.65 2.38
CA GLU A 35 -8.35 -1.91 3.77
C GLU A 35 -8.61 -0.62 4.52
N CYS A 36 -7.71 0.36 4.36
CA CYS A 36 -7.78 1.64 5.05
C CYS A 36 -8.97 2.47 4.57
N GLN A 37 -9.15 2.55 3.23
CA GLN A 37 -10.23 3.31 2.66
C GLN A 37 -11.60 2.74 3.08
N TRP A 38 -11.72 1.40 3.13
CA TRP A 38 -12.95 0.72 3.55
C TRP A 38 -13.31 1.10 5.01
N PHE A 39 -12.33 1.00 5.91
CA PHE A 39 -12.57 1.43 7.30
C PHE A 39 -13.02 2.88 7.37
N LEU A 40 -12.34 3.77 6.66
CA LEU A 40 -12.60 5.23 6.76
C LEU A 40 -13.92 5.64 6.12
N ALA A 41 -14.52 4.77 5.32
CA ALA A 41 -15.88 4.91 4.84
C ALA A 41 -16.94 4.50 5.89
N GLY A 42 -16.59 4.09 7.08
CA GLY A 42 -17.50 3.72 8.15
C GLY A 42 -17.82 2.28 8.26
N HIS A 43 -16.97 1.40 7.73
CA HIS A 43 -17.13 -0.06 7.82
C HIS A 43 -16.10 -0.65 8.78
N PRO A 44 -16.34 -1.85 9.33
CA PRO A 44 -15.35 -2.45 10.23
C PRO A 44 -14.01 -2.70 9.57
N LEU A 45 -12.94 -2.54 10.34
CA LEU A 45 -11.56 -2.82 9.87
C LEU A 45 -11.45 -4.32 9.59
N THR A 46 -11.27 -4.66 8.32
CA THR A 46 -11.33 -6.04 7.78
C THR A 46 -10.04 -6.40 7.10
N ASN A 47 -9.54 -7.60 7.37
CA ASN A 47 -8.37 -8.14 6.69
C ASN A 47 -8.76 -8.64 5.30
N LEU A 48 -8.13 -8.14 4.22
CA LEU A 48 -8.48 -8.41 2.82
C LEU A 48 -7.40 -9.18 2.07
N SER A 49 -7.74 -9.73 0.88
CA SER A 49 -6.89 -10.74 0.20
C SER A 49 -5.95 -10.20 -0.86
N GLU A 50 -4.65 -10.19 -0.59
CA GLU A 50 -3.65 -10.03 -1.64
C GLU A 50 -3.70 -11.21 -2.62
N GLN A 51 -4.00 -12.43 -2.14
CA GLN A 51 -3.96 -13.58 -3.06
C GLN A 51 -4.95 -13.45 -4.21
N MET A 52 -6.12 -12.85 -3.98
CA MET A 52 -7.09 -12.56 -5.04
C MET A 52 -6.38 -11.85 -6.19
N LEU A 53 -5.62 -10.76 -5.90
CA LEU A 53 -4.90 -10.04 -6.96
C LEU A 53 -3.80 -10.87 -7.59
N VAL A 54 -2.93 -11.48 -6.74
CA VAL A 54 -1.76 -12.19 -7.26
C VAL A 54 -2.19 -13.31 -8.21
N SER A 55 -3.23 -14.09 -7.82
CA SER A 55 -3.68 -15.18 -8.70
C SER A 55 -4.68 -14.78 -9.78
N CYS A 56 -5.56 -13.82 -9.57
CA CYS A 56 -6.71 -13.62 -10.46
C CYS A 56 -6.58 -12.37 -11.32
N ASP A 57 -5.80 -11.35 -10.97
CA ASP A 57 -5.67 -10.15 -11.79
C ASP A 57 -4.67 -10.39 -12.92
N LYS A 58 -5.19 -10.80 -14.08
CA LYS A 58 -4.33 -11.15 -15.20
C LYS A 58 -3.85 -9.95 -16.01
N THR A 59 -4.22 -8.73 -15.58
CA THR A 59 -3.66 -7.50 -16.11
C THR A 59 -2.34 -7.09 -15.42
N ASP A 60 -2.00 -7.83 -14.36
CA ASP A 60 -0.73 -7.75 -13.64
C ASP A 60 -0.01 -9.11 -13.78
N SER A 61 1.19 -9.26 -13.21
CA SER A 61 2.06 -10.39 -13.48
C SER A 61 2.44 -11.22 -12.26
N GLY A 62 1.50 -11.39 -11.34
CA GLY A 62 1.71 -12.33 -10.25
C GLY A 62 2.93 -12.05 -9.40
N CYS A 63 3.77 -13.08 -9.21
CA CYS A 63 5.00 -12.89 -8.48
C CYS A 63 6.12 -12.20 -9.28
N SER A 64 5.88 -11.83 -10.55
CA SER A 64 6.81 -11.05 -11.35
C SER A 64 6.50 -9.57 -11.42
N GLY A 65 5.55 -9.11 -10.64
CA GLY A 65 5.27 -7.69 -10.49
C GLY A 65 3.95 -7.20 -11.01
N GLY A 66 3.64 -5.93 -10.76
CA GLY A 66 2.41 -5.31 -11.18
C GLY A 66 2.33 -3.83 -10.81
N LEU A 67 1.24 -3.19 -11.22
CA LEU A 67 0.98 -1.77 -11.01
C LEU A 67 -0.25 -1.63 -10.13
N MET A 68 -0.20 -0.84 -9.07
CA MET A 68 -1.39 -0.60 -8.20
C MET A 68 -2.53 -0.05 -9.05
N ASN A 69 -2.27 0.88 -9.99
CA ASN A 69 -3.40 1.40 -10.80
C ASN A 69 -4.03 0.34 -11.70
N ASN A 70 -3.26 -0.59 -12.25
CA ASN A 70 -3.87 -1.72 -12.97
C ASN A 70 -4.74 -2.54 -12.04
N ALA A 71 -4.30 -2.80 -10.81
CA ALA A 71 -5.06 -3.60 -9.85
C ALA A 71 -6.39 -2.96 -9.50
N PHE A 72 -6.38 -1.66 -9.25
CA PHE A 72 -7.60 -0.95 -8.92
C PHE A 72 -8.58 -1.02 -10.12
N GLU A 73 -8.08 -0.87 -11.33
CA GLU A 73 -8.92 -0.95 -12.54
C GLU A 73 -9.46 -2.37 -12.73
N TRP A 74 -8.67 -3.41 -12.47
CA TRP A 74 -9.16 -4.81 -12.60
C TRP A 74 -10.26 -5.08 -11.61
N ILE A 75 -10.11 -4.62 -10.33
CA ILE A 75 -11.15 -4.89 -9.34
C ILE A 75 -12.50 -4.37 -9.84
N VAL A 76 -12.53 -3.14 -10.37
CA VAL A 76 -13.77 -2.53 -10.84
C VAL A 76 -14.27 -3.12 -12.16
N GLN A 77 -13.39 -3.32 -13.14
CA GLN A 77 -13.77 -3.71 -14.49
C GLN A 77 -14.03 -5.19 -14.66
N GLU A 78 -13.28 -6.01 -13.94
CA GLU A 78 -13.35 -7.46 -14.08
C GLU A 78 -13.90 -8.21 -12.86
N ASN A 79 -13.87 -7.63 -11.67
CA ASN A 79 -14.28 -8.30 -10.48
C ASN A 79 -15.46 -7.64 -9.76
N ASN A 80 -16.28 -6.87 -10.47
CA ASN A 80 -17.53 -6.30 -9.94
C ASN A 80 -17.32 -5.41 -8.70
N GLY A 81 -16.12 -4.83 -8.62
CA GLY A 81 -15.76 -3.99 -7.49
C GLY A 81 -15.34 -4.71 -6.22
N ALA A 82 -15.35 -6.03 -6.22
CA ALA A 82 -15.15 -6.82 -5.00
C ALA A 82 -13.70 -7.11 -4.63
N VAL A 83 -13.47 -7.05 -3.32
CA VAL A 83 -12.23 -7.47 -2.69
C VAL A 83 -12.54 -8.51 -1.61
N TYR A 84 -12.06 -9.75 -1.79
CA TYR A 84 -12.37 -10.83 -0.81
C TYR A 84 -11.66 -10.67 0.51
N THR A 85 -12.22 -11.27 1.58
CA THR A 85 -11.57 -11.38 2.88
C THR A 85 -10.30 -12.24 2.76
N GLU A 86 -9.30 -11.91 3.57
CA GLU A 86 -8.16 -12.75 3.79
C GLU A 86 -8.54 -14.19 4.22
N ASP A 87 -9.45 -14.28 5.19
CA ASP A 87 -9.77 -15.63 5.73
C ASP A 87 -10.30 -16.58 4.68
N SER A 88 -11.03 -16.11 3.73
CA SER A 88 -11.75 -16.80 2.67
C SER A 88 -10.89 -16.96 1.42
N TYR A 89 -9.74 -16.27 1.31
CA TYR A 89 -8.79 -16.40 0.19
C TYR A 89 -7.38 -16.08 0.75
N PRO A 90 -6.85 -16.95 1.59
CA PRO A 90 -5.62 -16.66 2.33
C PRO A 90 -4.36 -16.61 1.45
N TYR A 91 -3.35 -15.91 1.95
CA TYR A 91 -2.11 -15.73 1.20
C TYR A 91 -1.46 -17.10 0.97
N ALA A 92 -1.14 -17.41 -0.28
CA ALA A 92 -0.67 -18.72 -0.76
C ALA A 92 0.61 -18.59 -1.59
N SER A 93 1.24 -17.41 -1.66
CA SER A 93 2.38 -17.17 -2.55
C SER A 93 3.73 -16.95 -1.86
N GLY A 94 3.79 -17.27 -0.56
CA GLY A 94 5.02 -17.06 0.15
C GLY A 94 6.27 -17.80 -0.37
N GLU A 95 6.09 -18.95 -1.02
CA GLU A 95 7.17 -19.70 -1.67
C GLU A 95 7.63 -19.13 -2.99
N GLY A 96 6.91 -18.14 -3.53
CA GLY A 96 7.35 -17.49 -4.73
C GLY A 96 6.62 -17.81 -6.02
N ILE A 97 5.58 -18.65 -5.94
CA ILE A 97 4.73 -18.93 -7.09
C ILE A 97 3.31 -18.47 -6.84
N SER A 98 2.61 -18.07 -7.88
CA SER A 98 1.20 -17.70 -7.84
C SER A 98 0.35 -18.89 -8.23
N PRO A 99 -0.40 -19.57 -7.36
CA PRO A 99 -1.24 -20.69 -7.76
C PRO A 99 -2.39 -20.25 -8.63
N PRO A 100 -3.02 -21.20 -9.30
CA PRO A 100 -4.16 -20.85 -10.19
C PRO A 100 -5.29 -20.14 -9.46
N CYS A 101 -5.92 -19.16 -10.15
CA CYS A 101 -7.07 -18.44 -9.61
C CYS A 101 -8.24 -19.40 -9.27
N THR A 102 -8.83 -19.26 -8.10
CA THR A 102 -10.02 -19.95 -7.63
C THR A 102 -11.19 -18.97 -7.78
N THR A 103 -12.19 -19.26 -8.62
CA THR A 103 -13.26 -18.31 -8.98
C THR A 103 -14.56 -18.52 -8.21
N SER A 104 -14.53 -19.27 -7.13
CA SER A 104 -15.66 -19.41 -6.20
C SER A 104 -15.14 -19.83 -4.83
N GLY A 105 -15.97 -19.89 -3.81
CA GLY A 105 -15.55 -20.28 -2.47
C GLY A 105 -14.97 -19.17 -1.66
N HIS A 106 -15.23 -17.92 -2.02
CA HIS A 106 -14.74 -16.75 -1.30
C HIS A 106 -15.93 -15.85 -0.99
N THR A 107 -15.80 -15.01 0.00
CA THR A 107 -16.69 -14.02 0.57
C THR A 107 -16.10 -12.59 0.43
N VAL A 108 -16.94 -11.68 -0.09
CA VAL A 108 -16.60 -10.27 -0.29
C VAL A 108 -16.44 -9.58 1.06
N GLY A 109 -15.30 -8.90 1.31
CA GLY A 109 -15.05 -8.12 2.48
C GLY A 109 -15.17 -6.63 2.30
N ALA A 110 -15.00 -6.11 1.11
CA ALA A 110 -15.00 -4.71 0.74
C ALA A 110 -15.35 -4.51 -0.73
N THR A 111 -15.88 -3.37 -1.13
CA THR A 111 -16.04 -2.99 -2.51
C THR A 111 -15.50 -1.56 -2.79
N ILE A 112 -15.02 -1.35 -3.99
CA ILE A 112 -14.55 0.00 -4.44
C ILE A 112 -15.28 0.39 -5.72
N THR A 113 -15.36 1.68 -6.00
CA THR A 113 -16.04 2.19 -7.18
C THR A 113 -15.06 2.69 -8.25
N GLY A 114 -13.80 2.97 -7.89
CA GLY A 114 -12.85 3.54 -8.82
C GLY A 114 -11.55 3.86 -8.07
N HIS A 115 -10.75 4.74 -8.65
CA HIS A 115 -9.51 5.20 -8.02
C HIS A 115 -9.11 6.58 -8.56
N VAL A 116 -8.25 7.27 -7.83
CA VAL A 116 -7.70 8.58 -8.21
C VAL A 116 -6.18 8.51 -8.25
N GLU A 117 -5.59 9.16 -9.21
CA GLU A 117 -4.12 9.31 -9.38
C GLU A 117 -3.74 10.69 -8.90
N LEU A 118 -2.95 10.81 -7.82
CA LEU A 118 -2.67 12.09 -7.15
C LEU A 118 -1.55 12.87 -7.81
N PRO A 119 -1.51 14.18 -7.64
CA PRO A 119 -0.45 15.00 -8.26
C PRO A 119 0.95 14.63 -7.78
N GLN A 120 1.96 14.95 -8.60
CA GLN A 120 3.36 14.68 -8.29
C GLN A 120 3.95 15.83 -7.45
N ASP A 121 3.42 15.91 -6.23
CA ASP A 121 3.69 17.03 -5.35
C ASP A 121 3.47 16.57 -3.91
N GLU A 122 4.52 16.53 -3.10
CA GLU A 122 4.48 16.03 -1.72
C GLU A 122 3.48 16.77 -0.83
N ALA A 123 3.41 18.10 -0.92
CA ALA A 123 2.42 18.84 -0.08
C ALA A 123 1.01 18.53 -0.50
N GLN A 124 0.76 18.39 -1.81
CA GLN A 124 -0.61 18.04 -2.25
C GLN A 124 -0.99 16.61 -1.85
N ILE A 125 -0.07 15.65 -1.90
CA ILE A 125 -0.33 14.27 -1.41
C ILE A 125 -0.66 14.31 0.08
N ALA A 126 0.16 15.05 0.87
CA ALA A 126 -0.10 15.12 2.32
C ALA A 126 -1.47 15.70 2.63
N ALA A 127 -1.86 16.75 1.91
CA ALA A 127 -3.18 17.37 2.15
C ALA A 127 -4.31 16.39 1.91
N TRP A 128 -4.18 15.60 0.84
CA TRP A 128 -5.20 14.58 0.50
C TRP A 128 -5.25 13.50 1.59
N LEU A 129 -4.10 13.00 2.00
CA LEU A 129 -3.99 11.93 3.02
C LEU A 129 -4.58 12.37 4.36
N ALA A 130 -4.39 13.67 4.73
CA ALA A 130 -4.88 14.13 6.02
C ALA A 130 -6.38 13.99 6.18
N VAL A 131 -7.11 14.10 5.06
CA VAL A 131 -8.58 14.04 5.07
C VAL A 131 -9.06 12.64 4.67
N ASN A 132 -8.52 12.05 3.59
CA ASN A 132 -9.07 10.87 2.96
C ASN A 132 -8.34 9.57 3.32
N GLY A 133 -7.18 9.62 4.01
CA GLY A 133 -6.52 8.44 4.48
C GLY A 133 -5.29 7.98 3.70
N PRO A 134 -4.76 6.82 4.14
CA PRO A 134 -3.54 6.26 3.53
C PRO A 134 -3.60 6.12 2.00
N VAL A 135 -2.42 6.31 1.37
CA VAL A 135 -2.20 6.47 -0.07
C VAL A 135 -1.21 5.41 -0.56
N ALA A 136 -1.53 4.66 -1.62
CA ALA A 136 -0.58 3.77 -2.29
C ALA A 136 0.49 4.56 -3.01
N VAL A 137 1.76 4.22 -2.86
CA VAL A 137 2.83 4.87 -3.61
C VAL A 137 3.88 3.84 -4.07
N ALA A 138 4.57 4.19 -5.15
CA ALA A 138 5.78 3.52 -5.57
C ALA A 138 7.03 4.26 -5.08
N VAL A 139 8.09 3.52 -4.76
CA VAL A 139 9.36 4.09 -4.37
C VAL A 139 10.50 3.34 -5.06
N ASP A 140 11.68 3.92 -5.09
CA ASP A 140 12.94 3.24 -5.28
C ASP A 140 13.35 2.68 -3.92
N ALA A 141 13.29 1.35 -3.75
CA ALA A 141 13.61 0.72 -2.47
C ALA A 141 15.04 0.20 -2.45
N SER A 142 15.89 0.56 -3.42
CA SER A 142 17.18 -0.12 -3.52
C SER A 142 18.01 0.17 -2.30
N SER A 143 17.87 1.29 -1.61
CA SER A 143 18.65 1.52 -0.39
C SER A 143 17.95 1.07 0.92
N TRP A 144 16.75 0.52 0.80
CA TRP A 144 15.97 0.12 1.98
C TRP A 144 16.52 -1.11 2.69
N MET A 145 17.42 -1.87 2.06
CA MET A 145 18.12 -2.99 2.67
C MET A 145 19.16 -2.60 3.71
N THR A 146 19.39 -1.28 3.90
CA THR A 146 20.23 -0.78 4.95
C THR A 146 19.46 -0.11 6.08
N TYR A 147 18.14 -0.01 6.01
CA TYR A 147 17.37 0.76 6.98
C TYR A 147 17.28 0.05 8.34
N THR A 148 17.57 0.76 9.43
CA THR A 148 17.42 0.22 10.78
C THR A 148 16.53 1.01 11.73
N GLY A 149 16.05 2.19 11.37
CA GLY A 149 15.25 3.00 12.25
C GLY A 149 15.60 4.46 12.06
N GLY A 150 14.81 5.32 12.69
CA GLY A 150 14.94 6.75 12.56
C GLY A 150 14.42 7.29 11.25
N VAL A 151 14.71 8.57 10.93
CA VAL A 151 14.37 9.16 9.65
C VAL A 151 15.51 8.92 8.68
N MET A 152 15.30 8.13 7.63
CA MET A 152 16.37 7.90 6.66
C MET A 152 16.80 9.18 5.95
N THR A 153 18.10 9.34 5.64
CA THR A 153 18.58 10.45 4.79
C THR A 153 19.13 9.94 3.48
N SER A 154 19.12 10.68 2.40
CA SER A 154 20.01 10.42 1.26
C SER A 154 19.47 9.12 0.57
N CYS A 155 18.16 8.91 0.44
CA CYS A 155 17.59 7.72 -0.21
C CYS A 155 18.01 7.69 -1.68
N VAL A 156 18.50 6.55 -2.18
CA VAL A 156 18.79 6.45 -3.62
C VAL A 156 17.50 6.62 -4.38
N SER A 157 17.48 7.58 -5.30
CA SER A 157 16.24 8.00 -5.96
C SER A 157 16.36 7.97 -7.49
N GLU A 158 16.49 6.75 -8.04
CA GLU A 158 16.88 6.56 -9.43
C GLU A 158 15.77 5.96 -10.31
N GLN A 159 15.12 4.92 -9.78
CA GLN A 159 14.15 4.14 -10.52
C GLN A 159 13.10 3.49 -9.60
N LEU A 160 11.82 3.78 -9.83
CA LEU A 160 10.73 3.18 -9.06
C LEU A 160 10.77 1.65 -9.19
N ASP A 161 10.70 0.86 -8.09
CA ASP A 161 10.71 -0.57 -8.14
C ASP A 161 9.86 -1.28 -7.05
N HIS A 162 9.18 -0.57 -6.17
CA HIS A 162 8.57 -1.17 -4.96
C HIS A 162 7.30 -0.44 -4.59
N GLY A 163 6.19 -1.14 -4.38
CA GLY A 163 4.93 -0.58 -3.94
C GLY A 163 4.72 -0.73 -2.45
N VAL A 164 4.32 0.37 -1.81
CA VAL A 164 4.15 0.49 -0.36
C VAL A 164 2.98 1.40 -0.04
N LEU A 165 2.74 1.76 1.23
CA LEU A 165 1.57 2.49 1.67
C LEU A 165 1.97 3.65 2.58
N LEU A 166 1.68 4.89 2.19
CA LEU A 166 1.82 6.04 3.09
C LEU A 166 0.74 6.04 4.11
N VAL A 167 1.09 6.04 5.44
CA VAL A 167 0.08 6.05 6.50
C VAL A 167 0.11 7.31 7.34
N GLY A 168 1.01 8.26 7.10
CA GLY A 168 1.08 9.49 7.88
C GLY A 168 2.29 10.33 7.47
N TYR A 169 2.44 11.48 8.14
CA TYR A 169 3.54 12.39 7.90
C TYR A 169 3.68 13.26 9.17
N ASN A 170 4.81 13.97 9.27
CA ASN A 170 4.99 14.94 10.38
C ASN A 170 5.86 16.10 9.86
N ASP A 171 5.26 17.28 9.63
CA ASP A 171 5.89 18.48 9.17
C ASP A 171 6.51 19.31 10.32
N SER A 172 6.19 19.00 11.56
CA SER A 172 6.68 19.70 12.73
C SER A 172 7.99 19.13 13.27
N ALA A 173 8.43 17.95 12.86
CA ALA A 173 9.67 17.34 13.33
C ALA A 173 10.90 18.12 12.86
N ALA A 174 12.03 17.87 13.52
CA ALA A 174 13.27 18.55 13.14
C ALA A 174 13.59 18.41 11.67
N VAL A 175 13.45 17.16 11.21
CA VAL A 175 13.45 16.79 9.80
C VAL A 175 12.04 16.27 9.47
N PRO A 176 11.25 17.01 8.71
CA PRO A 176 9.90 16.51 8.31
C PRO A 176 9.99 15.15 7.66
N TYR A 177 8.99 14.26 7.89
CA TYR A 177 9.05 12.88 7.40
C TYR A 177 7.70 12.31 7.00
N TRP A 178 7.76 11.28 6.14
CA TRP A 178 6.67 10.37 5.81
C TRP A 178 6.77 9.11 6.70
N ILE A 179 5.62 8.50 7.04
CA ILE A 179 5.51 7.21 7.67
C ILE A 179 4.97 6.17 6.68
N ILE A 180 5.69 5.08 6.42
CA ILE A 180 5.40 4.13 5.33
C ILE A 180 5.32 2.71 5.87
N LYS A 181 4.21 2.03 5.56
CA LYS A 181 3.99 0.60 5.85
C LYS A 181 4.68 -0.23 4.78
N ASN A 182 5.62 -1.09 5.17
CA ASN A 182 6.30 -2.05 4.31
C ASN A 182 5.71 -3.45 4.53
N SER A 183 6.07 -4.41 3.70
CA SER A 183 5.58 -5.80 3.67
C SER A 183 6.71 -6.83 3.87
N TRP A 184 7.66 -6.49 4.77
CA TRP A 184 8.85 -7.27 5.05
C TRP A 184 8.93 -7.78 6.50
N THR A 185 7.82 -8.04 7.16
CA THR A 185 7.65 -8.49 8.53
C THR A 185 7.82 -7.37 9.54
N THR A 186 7.44 -7.58 10.81
CA THR A 186 7.59 -6.60 11.87
C THR A 186 9.01 -6.57 12.45
N GLN A 187 9.90 -7.51 12.19
CA GLN A 187 11.28 -7.47 12.61
C GLN A 187 12.11 -6.48 11.81
N TRP A 188 11.65 -6.05 10.62
CA TRP A 188 12.34 -5.05 9.78
C TRP A 188 11.91 -3.63 10.16
N GLY A 189 12.85 -2.67 10.21
CA GLY A 189 12.51 -1.27 10.40
C GLY A 189 11.98 -0.99 11.78
N GLU A 190 11.00 -0.08 11.86
CA GLU A 190 10.37 0.27 13.12
C GLU A 190 9.08 -0.55 13.23
N GLU A 191 9.16 -1.78 13.73
CA GLU A 191 8.03 -2.71 13.80
C GLU A 191 7.35 -2.83 12.42
N GLY A 192 8.16 -2.85 11.34
CA GLY A 192 7.70 -3.04 9.97
C GLY A 192 7.46 -1.80 9.17
N TYR A 193 7.61 -0.61 9.79
CA TYR A 193 7.44 0.70 9.18
C TYR A 193 8.81 1.35 8.88
N ILE A 194 8.87 2.31 7.94
CA ILE A 194 10.00 3.15 7.67
C ILE A 194 9.57 4.62 7.63
N ARG A 195 10.42 5.50 8.19
CA ARG A 195 10.29 6.94 8.01
C ARG A 195 11.41 7.43 7.06
N ILE A 196 10.99 8.22 6.06
CA ILE A 196 11.89 8.89 5.09
C ILE A 196 11.67 10.39 5.16
N ALA A 197 12.67 11.19 4.83
CA ALA A 197 12.55 12.65 4.86
C ALA A 197 11.50 13.10 3.81
N LYS A 198 10.76 14.16 4.11
CA LYS A 198 9.66 14.70 3.32
C LYS A 198 10.06 16.08 2.76
N GLY A 199 9.82 16.33 1.47
CA GLY A 199 10.04 17.57 0.79
C GLY A 199 11.15 17.64 -0.24
N SER A 200 11.87 16.55 -0.48
CA SER A 200 12.94 16.51 -1.46
C SER A 200 12.82 15.30 -2.37
N ASN A 201 11.60 14.77 -2.53
CA ASN A 201 11.33 13.64 -3.41
C ASN A 201 12.24 12.44 -3.10
N GLN A 202 12.40 12.15 -1.80
CA GLN A 202 13.23 10.98 -1.38
C GLN A 202 12.62 9.71 -1.91
N CYS A 203 13.49 8.86 -2.48
CA CYS A 203 13.07 7.57 -3.01
C CYS A 203 11.99 7.72 -4.17
N LEU A 204 11.88 8.93 -4.77
CA LEU A 204 10.91 9.21 -5.83
C LEU A 204 9.45 9.03 -5.34
N VAL A 205 9.21 9.23 -4.04
CA VAL A 205 7.94 9.00 -3.38
C VAL A 205 6.77 9.77 -3.96
N LYS A 206 7.00 10.94 -4.59
CA LYS A 206 5.88 11.69 -5.15
C LYS A 206 5.43 11.25 -6.53
N GLU A 207 6.15 10.35 -7.19
CA GLU A 207 5.95 10.18 -8.65
C GLU A 207 4.74 9.34 -9.04
N GLU A 208 4.30 8.37 -8.24
CA GLU A 208 3.21 7.46 -8.58
C GLU A 208 2.31 7.14 -7.37
N ALA A 209 1.62 8.19 -6.91
CA ALA A 209 0.71 8.13 -5.77
C ALA A 209 -0.75 7.99 -6.21
N SER A 210 -1.49 7.01 -5.57
CA SER A 210 -2.89 6.82 -5.99
C SER A 210 -3.67 6.20 -4.83
N SER A 211 -5.01 6.20 -4.95
CA SER A 211 -5.88 5.57 -3.98
C SER A 211 -7.15 5.04 -4.59
N ALA A 212 -7.62 3.88 -4.11
CA ALA A 212 -9.01 3.46 -4.35
C ALA A 212 -9.99 4.48 -3.74
N VAL A 213 -11.20 4.49 -4.31
CA VAL A 213 -12.35 5.21 -3.82
C VAL A 213 -13.43 4.18 -3.39
N VAL A 214 -13.87 4.32 -2.15
CA VAL A 214 -14.98 3.56 -1.56
C VAL A 214 -16.17 4.53 -1.51
N GLY A 215 -17.29 4.13 -2.03
CA GLY A 215 -18.46 5.03 -1.93
C GLY A 215 -19.35 4.71 -0.76
#